data_6GFA
#
_entry.id   6GFA
#
_cell.length_a   109.780
_cell.length_b   109.780
_cell.length_c   144.220
_cell.angle_alpha   90.00
_cell.angle_beta   90.00
_cell.angle_gamma   120.00
#
_symmetry.space_group_name_H-M   'P 61 2 2'
#
loop_
_entity.id
_entity.type
_entity.pdbx_description
1 polymer 'Heat shock protein 105 kDa'
2 non-polymer 'MAGNESIUM ION'
3 non-polymer "ADENOSINE-5'-TRIPHOSPHATE"
4 water water
#
_entity_poly.entity_id   1
_entity_poly.type   'polypeptide(L)'
_entity_poly.pdbx_seq_one_letter_code
;MSVVGLDVGSQSCYIAVARAGGIETIANEFSDRCTPSVISFGSKNRTIGVAAKNQQITHANNTVSNFKRFHGRAFNDPFI
QKEKENLSYDLVPLKNGGVGIKVMYMGEEHLFSVEQITAMLLTKLKETAENSLKKPVTDCVISVPSFFTDAERRSVLDAA
QIVGLNCLRLMNDMTAVALNYGIYKQDLPSLDEKPRIVVFVDMGHSAFQVSACAFNKGKLKVLGTAFDPFLGGKNFDEKL
VEHFCAEFKTKYKLDAKSKIRALLRLYQECEKLKKLMSSNSTDLPLNIECFMNDKDVSGKMNRSQFEELCAELLQKIEVP
LYSLLEQTHLKVEDVSAVEIVGGATRIPAVKERIAKFFGKDISTTLNADEAVARGCALQCS
;
_entity_poly.pdbx_strand_id   A
#
# COMPACT_ATOMS: atom_id res chain seq x y z
N VAL A 3 -10.80 15.70 -13.92
CA VAL A 3 -10.98 14.43 -13.22
C VAL A 3 -9.72 13.99 -12.48
N VAL A 4 -9.81 13.87 -11.16
CA VAL A 4 -8.63 13.56 -10.37
C VAL A 4 -8.45 12.05 -10.15
N GLY A 5 -7.24 11.55 -10.37
CA GLY A 5 -6.93 10.16 -10.07
C GLY A 5 -6.41 10.03 -8.64
N LEU A 6 -7.01 9.15 -7.85
CA LEU A 6 -6.67 8.97 -6.44
C LEU A 6 -6.25 7.56 -6.13
N ASP A 7 -4.96 7.37 -5.90
CA ASP A 7 -4.48 6.08 -5.49
C ASP A 7 -4.53 6.05 -3.95
N VAL A 8 -5.53 5.37 -3.41
CA VAL A 8 -5.67 5.30 -1.96
C VAL A 8 -5.07 3.99 -1.47
N GLY A 9 -3.88 4.09 -0.89
CA GLY A 9 -3.16 2.92 -0.43
C GLY A 9 -3.40 2.69 1.05
N SER A 10 -3.12 1.49 1.53
CA SER A 10 -3.32 1.22 2.95
C SER A 10 -2.28 1.98 3.81
N GLN A 11 -1.18 2.41 3.18
CA GLN A 11 -0.11 3.16 3.87
C GLN A 11 0.03 4.60 3.34
N SER A 12 -0.04 4.78 2.02
CA SER A 12 0.15 6.12 1.42
C SER A 12 -0.82 6.36 0.29
N CYS A 13 -1.08 7.64 0.03
CA CYS A 13 -1.95 8.06 -1.06
C CYS A 13 -1.24 8.98 -2.02
N TYR A 14 -1.57 8.83 -3.31
CA TYR A 14 -1.08 9.72 -4.35
C TYR A 14 -2.26 10.29 -5.14
N ILE A 15 -2.03 11.46 -5.73
CA ILE A 15 -3.05 12.21 -6.44
C ILE A 15 -2.51 12.65 -7.78
N ALA A 16 -3.24 12.39 -8.86
CA ALA A 16 -2.76 12.83 -10.17
C ALA A 16 -3.90 13.45 -10.96
N VAL A 17 -3.57 14.30 -11.94
CA VAL A 17 -4.58 14.91 -12.78
C VAL A 17 -4.03 15.24 -14.16
N ALA A 18 -4.84 15.06 -15.20
CA ALA A 18 -4.46 15.49 -16.54
C ALA A 18 -4.37 17.00 -16.60
N ARG A 19 -3.16 17.50 -16.83
CA ARG A 19 -2.93 18.92 -17.07
C ARG A 19 -2.64 19.13 -18.55
N ALA A 20 -2.31 20.36 -18.93
CA ALA A 20 -2.00 20.68 -20.32
C ALA A 20 -0.73 19.96 -20.75
N GLY A 21 -0.89 18.95 -21.60
CA GLY A 21 0.23 18.16 -22.06
C GLY A 21 0.14 16.71 -21.62
N GLY A 22 0.20 16.48 -20.31
CA GLY A 22 0.22 15.12 -19.79
C GLY A 22 -0.45 14.95 -18.43
N ILE A 23 0.13 14.10 -17.60
CA ILE A 23 -0.44 13.82 -16.28
C ILE A 23 0.52 14.36 -15.25
N GLU A 24 0.01 15.12 -14.28
CA GLU A 24 0.87 15.61 -13.20
C GLU A 24 0.42 15.03 -11.87
N THR A 25 1.38 14.75 -10.98
CA THR A 25 0.96 14.39 -9.63
C THR A 25 0.80 15.70 -8.86
N ILE A 26 -0.14 15.71 -7.94
CA ILE A 26 -0.41 16.89 -7.16
C ILE A 26 0.29 16.80 -5.81
N ALA A 27 1.01 17.87 -5.45
CA ALA A 27 1.75 17.92 -4.20
C ALA A 27 0.88 18.56 -3.11
N ASN A 28 1.12 18.18 -1.85
CA ASN A 28 0.29 18.65 -0.76
C ASN A 28 0.93 19.84 -0.01
N GLU A 29 0.47 20.11 1.21
CA GLU A 29 0.90 21.31 1.92
C GLU A 29 2.35 21.21 2.43
N PHE A 30 2.92 20.02 2.33
CA PHE A 30 4.34 19.79 2.65
C PHE A 30 5.16 19.68 1.37
N SER A 31 4.51 20.00 0.25
CA SER A 31 5.07 19.89 -1.10
C SER A 31 5.36 18.44 -1.47
N ASP A 32 4.67 17.50 -0.82
CA ASP A 32 4.95 16.08 -1.02
C ASP A 32 3.85 15.45 -1.89
N ARG A 33 4.24 14.56 -2.80
CA ARG A 33 3.28 13.73 -3.57
C ARG A 33 2.63 12.65 -2.70
N CYS A 34 3.30 12.31 -1.59
CA CYS A 34 2.91 11.17 -0.76
C CYS A 34 2.21 11.65 0.49
N THR A 35 0.95 11.26 0.64
CA THR A 35 0.17 11.55 1.85
C THR A 35 -0.06 10.26 2.67
N PRO A 36 0.55 10.17 3.87
CA PRO A 36 0.31 8.98 4.71
C PRO A 36 -1.19 8.79 4.98
N SER A 37 -1.63 7.54 4.90
CA SER A 37 -3.03 7.18 5.17
C SER A 37 -3.30 7.04 6.67
N VAL A 38 -3.23 8.17 7.36
CA VAL A 38 -3.26 8.18 8.83
C VAL A 38 -4.11 9.35 9.30
N ILE A 39 -4.98 9.07 10.25
CA ILE A 39 -5.84 10.09 10.83
C ILE A 39 -5.61 10.11 12.34
N SER A 40 -5.36 11.29 12.89
CA SER A 40 -5.18 11.43 14.33
C SER A 40 -6.29 12.28 14.93
N PHE A 41 -6.92 11.77 15.98
CA PHE A 41 -8.05 12.48 16.59
C PHE A 41 -7.62 13.13 17.89
N GLY A 42 -7.67 14.46 17.93
CA GLY A 42 -7.34 15.20 19.14
C GLY A 42 -8.60 15.68 19.83
N SER A 43 -8.43 16.58 20.81
CA SER A 43 -9.55 17.13 21.55
C SER A 43 -10.19 18.32 20.85
N LYS A 44 -9.36 19.14 20.21
CA LYS A 44 -9.85 20.33 19.52
C LYS A 44 -10.09 20.09 18.04
N ASN A 45 -9.50 19.03 17.48
CA ASN A 45 -9.55 18.80 16.05
C ASN A 45 -9.02 17.43 15.61
N ARG A 46 -8.86 17.25 14.31
CA ARG A 46 -8.24 16.05 13.78
C ARG A 46 -7.25 16.40 12.68
N THR A 47 -6.29 15.51 12.48
CA THR A 47 -5.20 15.73 11.55
CA THR A 47 -5.26 15.76 11.50
C THR A 47 -5.10 14.52 10.62
N ILE A 48 -4.72 14.76 9.34
CA ILE A 48 -4.61 13.69 8.36
C ILE A 48 -3.30 13.78 7.58
N GLY A 49 -2.58 12.67 7.46
CA GLY A 49 -1.34 12.69 6.70
C GLY A 49 -0.12 12.62 7.62
N VAL A 50 0.95 13.31 7.23
CA VAL A 50 2.22 13.13 7.95
C VAL A 50 2.20 13.77 9.35
N ALA A 51 1.42 14.82 9.54
CA ALA A 51 1.29 15.37 10.89
C ALA A 51 0.58 14.38 11.81
N ALA A 52 -0.33 13.58 11.24
CA ALA A 52 -0.97 12.52 12.02
C ALA A 52 0.02 11.38 12.26
N LYS A 53 0.72 10.98 11.22
CA LYS A 53 1.69 9.91 11.33
C LYS A 53 2.80 10.24 12.32
N ASN A 54 3.25 11.50 12.31
CA ASN A 54 4.29 11.92 13.25
C ASN A 54 3.83 11.80 14.70
N GLN A 55 2.51 11.79 14.93
CA GLN A 55 1.95 11.65 16.27
C GLN A 55 1.62 10.22 16.69
N GLN A 56 1.94 9.25 15.85
CA GLN A 56 1.42 7.91 16.03
C GLN A 56 1.87 7.21 17.34
N ILE A 57 3.05 7.55 17.85
CA ILE A 57 3.48 6.98 19.12
C ILE A 57 2.90 7.77 20.28
N THR A 58 3.07 9.08 20.23
CA THR A 58 2.54 9.98 21.25
C THR A 58 1.02 9.84 21.46
N HIS A 59 0.27 9.73 20.37
CA HIS A 59 -1.19 9.62 20.49
C HIS A 59 -1.70 8.30 19.91
N ALA A 60 -1.07 7.21 20.32
CA ALA A 60 -1.26 5.90 19.71
C ALA A 60 -2.69 5.38 19.77
N ASN A 61 -3.40 5.68 20.85
CA ASN A 61 -4.76 5.18 21.05
C ASN A 61 -5.77 5.82 20.12
N ASN A 62 -5.48 7.06 19.72
CA ASN A 62 -6.41 7.87 18.94
C ASN A 62 -5.84 8.23 17.55
N THR A 63 -4.88 7.44 17.11
CA THR A 63 -4.32 7.60 15.78
C THR A 63 -4.68 6.33 15.00
N VAL A 64 -5.31 6.53 13.84
CA VAL A 64 -5.89 5.43 13.08
C VAL A 64 -5.18 5.24 11.74
N SER A 65 -4.76 4.01 11.46
CA SER A 65 -3.96 3.71 10.28
C SER A 65 -4.18 2.27 9.85
N ASN A 66 -3.73 1.92 8.65
CA ASN A 66 -3.84 0.54 8.16
C ASN A 66 -5.26 0.00 8.25
N PHE A 67 -6.21 0.81 7.79
CA PHE A 67 -7.62 0.46 7.90
C PHE A 67 -8.23 0.12 6.54
N LYS A 68 -7.47 0.30 5.47
CA LYS A 68 -8.01 0.08 4.12
C LYS A 68 -8.58 -1.33 3.92
N ARG A 69 -7.89 -2.34 4.44
CA ARG A 69 -8.30 -3.72 4.27
C ARG A 69 -9.49 -4.10 5.18
N PHE A 70 -10.04 -3.15 5.92
CA PHE A 70 -11.27 -3.40 6.68
C PHE A 70 -12.52 -3.19 5.81
N HIS A 71 -12.37 -2.54 4.66
CA HIS A 71 -13.50 -2.30 3.75
C HIS A 71 -14.23 -3.60 3.41
N GLY A 72 -15.55 -3.61 3.60
CA GLY A 72 -16.36 -4.77 3.24
C GLY A 72 -16.14 -6.02 4.08
N ARG A 73 -15.45 -5.87 5.22
CA ARG A 73 -15.14 -7.00 6.10
C ARG A 73 -16.04 -7.04 7.33
N ALA A 74 -16.45 -8.23 7.76
CA ALA A 74 -17.15 -8.36 9.03
C ALA A 74 -16.16 -8.40 10.20
N PHE A 75 -16.55 -7.85 11.35
CA PHE A 75 -15.69 -7.93 12.55
C PHE A 75 -15.30 -9.38 12.90
N ASN A 76 -16.24 -10.31 12.71
CA ASN A 76 -16.05 -11.73 13.09
C ASN A 76 -15.17 -12.53 12.13
N ASP A 77 -14.81 -11.92 11.00
CA ASP A 77 -13.92 -12.54 10.03
C ASP A 77 -12.55 -12.81 10.71
N PRO A 78 -12.08 -14.06 10.65
CA PRO A 78 -10.74 -14.41 11.17
C PRO A 78 -9.63 -13.51 10.60
N PHE A 79 -9.83 -12.97 9.41
CA PHE A 79 -8.90 -12.01 8.83
C PHE A 79 -8.80 -10.78 9.72
N ILE A 80 -9.95 -10.32 10.21
CA ILE A 80 -10.00 -9.12 11.04
C ILE A 80 -9.52 -9.44 12.48
N GLN A 81 -9.88 -10.62 12.98
CA GLN A 81 -9.47 -11.04 14.33
C GLN A 81 -7.95 -11.04 14.44
N LYS A 82 -7.28 -11.48 13.38
CA LYS A 82 -5.82 -11.46 13.31
C LYS A 82 -5.27 -10.03 13.28
N GLU A 83 -5.75 -9.24 12.32
CA GLU A 83 -5.34 -7.85 12.15
C GLU A 83 -5.51 -6.99 13.41
N LYS A 84 -6.60 -7.24 14.12
CA LYS A 84 -6.96 -6.52 15.32
C LYS A 84 -5.85 -6.49 16.39
N GLU A 85 -5.11 -7.58 16.49
CA GLU A 85 -4.12 -7.78 17.55
C GLU A 85 -2.96 -6.80 17.49
N ASN A 86 -2.64 -6.34 16.27
CA ASN A 86 -1.46 -5.51 16.05
C ASN A 86 -1.73 -3.99 16.09
N LEU A 87 -2.99 -3.60 16.24
CA LEU A 87 -3.39 -2.20 16.15
C LEU A 87 -3.28 -1.45 17.47
N SER A 88 -2.95 -0.16 17.39
CA SER A 88 -2.81 0.67 18.58
C SER A 88 -4.15 1.26 19.00
N TYR A 89 -5.14 1.19 18.13
CA TYR A 89 -6.44 1.78 18.43
C TYR A 89 -7.50 0.68 18.59
N ASP A 90 -8.68 1.04 19.06
CA ASP A 90 -9.65 0.02 19.43
C ASP A 90 -10.55 -0.36 18.25
N LEU A 91 -10.65 -1.66 18.00
CA LEU A 91 -11.55 -2.20 16.99
C LEU A 91 -12.74 -2.85 17.68
N VAL A 92 -13.96 -2.42 17.38
CA VAL A 92 -15.13 -3.10 17.95
C VAL A 92 -16.15 -3.41 16.84
N PRO A 93 -17.09 -4.35 17.09
CA PRO A 93 -18.10 -4.57 16.04
C PRO A 93 -19.13 -3.45 15.98
N LEU A 94 -19.49 -3.01 14.76
CA LEU A 94 -20.64 -2.15 14.58
C LEU A 94 -21.92 -2.95 14.82
N LYS A 95 -23.05 -2.26 14.92
CA LYS A 95 -24.31 -2.94 15.13
C LYS A 95 -24.72 -3.83 13.95
N ASN A 96 -24.20 -3.56 12.75
CA ASN A 96 -24.50 -4.42 11.60
C ASN A 96 -23.45 -5.49 11.37
N GLY A 97 -22.49 -5.59 12.30
CA GLY A 97 -21.49 -6.64 12.25
C GLY A 97 -20.21 -6.21 11.58
N GLY A 98 -20.21 -5.02 11.00
CA GLY A 98 -19.04 -4.51 10.30
C GLY A 98 -17.97 -4.04 11.27
N VAL A 99 -16.84 -3.60 10.72
CA VAL A 99 -15.70 -3.21 11.54
C VAL A 99 -15.89 -1.79 12.08
N GLY A 100 -15.81 -1.64 13.39
CA GLY A 100 -15.96 -0.33 14.01
C GLY A 100 -14.65 0.18 14.59
N ILE A 101 -14.41 1.48 14.44
CA ILE A 101 -13.21 2.13 14.92
C ILE A 101 -13.58 3.09 16.05
N LYS A 102 -13.12 2.78 17.25
CA LYS A 102 -13.47 3.58 18.43
C LYS A 102 -12.29 4.43 18.92
N VAL A 103 -12.49 5.74 18.97
CA VAL A 103 -11.45 6.66 19.42
C VAL A 103 -12.04 7.75 20.30
N MET A 104 -11.17 8.42 21.04
CA MET A 104 -11.52 9.66 21.71
C MET A 104 -11.27 10.80 20.74
N TYR A 105 -12.24 11.69 20.61
CA TYR A 105 -12.12 12.78 19.66
C TYR A 105 -12.38 14.10 20.37
N MET A 106 -13.49 14.76 20.06
CA MET A 106 -13.75 16.11 20.57
C MET A 106 -14.17 16.11 22.04
N GLY A 107 -13.45 15.38 22.87
CA GLY A 107 -13.82 15.22 24.26
C GLY A 107 -14.72 14.02 24.48
N GLU A 108 -15.26 13.49 23.38
CA GLU A 108 -16.22 12.40 23.44
C GLU A 108 -15.73 11.12 22.77
N GLU A 109 -16.25 9.98 23.23
CA GLU A 109 -15.98 8.71 22.57
C GLU A 109 -16.73 8.68 21.23
N HIS A 110 -16.02 8.29 20.18
CA HIS A 110 -16.63 8.22 18.85
C HIS A 110 -16.49 6.83 18.26
N LEU A 111 -17.53 6.39 17.57
CA LEU A 111 -17.48 5.12 16.88
C LEU A 111 -17.59 5.39 15.39
N PHE A 112 -16.57 4.97 14.64
CA PHE A 112 -16.57 5.20 13.20
C PHE A 112 -16.58 3.89 12.44
N SER A 113 -17.29 3.89 11.31
CA SER A 113 -17.15 2.83 10.33
C SER A 113 -15.91 3.12 9.50
N VAL A 114 -15.42 2.10 8.81
CA VAL A 114 -14.27 2.27 7.93
C VAL A 114 -14.66 3.21 6.77
N GLU A 115 -15.93 3.18 6.36
CA GLU A 115 -16.38 4.08 5.29
C GLU A 115 -16.16 5.50 5.74
N GLN A 116 -16.48 5.77 7.01
CA GLN A 116 -16.30 7.11 7.57
C GLN A 116 -14.84 7.48 7.71
N ILE A 117 -14.01 6.52 8.09
CA ILE A 117 -12.58 6.82 8.24
C ILE A 117 -11.96 7.12 6.86
N THR A 118 -12.20 6.24 5.90
CA THR A 118 -11.69 6.46 4.56
C THR A 118 -12.19 7.79 3.97
N ALA A 119 -13.42 8.15 4.32
CA ALA A 119 -13.99 9.40 3.83
C ALA A 119 -13.24 10.61 4.38
N MET A 120 -12.77 10.51 5.61
CA MET A 120 -11.96 11.60 6.18
C MET A 120 -10.68 11.75 5.37
N LEU A 121 -10.09 10.62 4.98
CA LEU A 121 -8.86 10.63 4.19
C LEU A 121 -9.11 11.21 2.79
N LEU A 122 -10.16 10.73 2.14
CA LEU A 122 -10.60 11.22 0.82
C LEU A 122 -10.84 12.72 0.83
N THR A 123 -11.41 13.20 1.94
CA THR A 123 -11.67 14.64 2.08
C THR A 123 -10.37 15.43 2.07
N LYS A 124 -9.35 14.96 2.79
CA LYS A 124 -8.06 15.64 2.76
C LYS A 124 -7.50 15.65 1.33
N LEU A 125 -7.55 14.52 0.65
CA LEU A 125 -7.02 14.41 -0.72
C LEU A 125 -7.75 15.37 -1.67
N LYS A 126 -9.06 15.44 -1.51
CA LYS A 126 -9.91 16.34 -2.28
C LYS A 126 -9.48 17.79 -2.07
N GLU A 127 -9.33 18.16 -0.80
CA GLU A 127 -8.85 19.49 -0.44
C GLU A 127 -7.46 19.75 -1.03
N THR A 128 -6.57 18.76 -0.95
CA THR A 128 -5.25 18.87 -1.57
C THR A 128 -5.36 19.16 -3.06
N ALA A 129 -6.24 18.44 -3.76
CA ALA A 129 -6.36 18.68 -5.20
C ALA A 129 -6.93 20.07 -5.46
N GLU A 130 -7.88 20.49 -4.63
CA GLU A 130 -8.52 21.79 -4.83
C GLU A 130 -7.55 22.94 -4.56
N ASN A 131 -6.66 22.78 -3.58
CA ASN A 131 -5.65 23.81 -3.30
C ASN A 131 -4.66 23.99 -4.44
N SER A 132 -4.37 22.90 -5.15
CA SER A 132 -3.45 22.97 -6.28
C SER A 132 -4.15 23.46 -7.58
N LEU A 133 -5.35 22.96 -7.86
CA LEU A 133 -6.05 23.27 -9.10
C LEU A 133 -6.84 24.58 -9.04
N LYS A 134 -6.99 25.12 -7.83
CA LYS A 134 -7.72 26.37 -7.59
C LYS A 134 -9.16 26.31 -8.09
N LYS A 135 -9.77 25.14 -8.05
CA LYS A 135 -11.16 24.96 -8.45
C LYS A 135 -11.77 23.76 -7.73
N PRO A 136 -13.12 23.70 -7.67
CA PRO A 136 -13.80 22.55 -7.08
C PRO A 136 -13.41 21.23 -7.72
N VAL A 137 -13.25 20.21 -6.89
CA VAL A 137 -13.00 18.86 -7.39
C VAL A 137 -14.14 17.96 -6.97
N THR A 138 -14.74 17.29 -7.93
CA THR A 138 -15.85 16.41 -7.60
C THR A 138 -15.64 15.08 -8.29
N ASP A 139 -15.35 15.14 -9.59
CA ASP A 139 -15.14 13.93 -10.38
C ASP A 139 -13.79 13.29 -10.06
N CYS A 140 -13.80 11.97 -9.85
CA CYS A 140 -12.55 11.29 -9.55
C CYS A 140 -12.60 9.83 -9.96
N VAL A 141 -11.41 9.24 -10.00
CA VAL A 141 -11.22 7.81 -10.17
C VAL A 141 -10.39 7.31 -8.97
N ILE A 142 -10.89 6.29 -8.28
CA ILE A 142 -10.22 5.82 -7.06
C ILE A 142 -9.72 4.40 -7.30
N SER A 143 -8.46 4.16 -6.95
CA SER A 143 -7.87 2.83 -7.11
C SER A 143 -8.47 1.82 -6.11
N VAL A 144 -8.51 0.55 -6.52
CA VAL A 144 -8.81 -0.55 -5.60
C VAL A 144 -7.98 -1.74 -6.01
N PRO A 145 -7.57 -2.55 -5.02
CA PRO A 145 -6.85 -3.77 -5.38
C PRO A 145 -7.65 -4.68 -6.31
N SER A 146 -6.97 -5.43 -7.16
N SER A 146 -6.94 -5.40 -7.17
CA SER A 146 -7.64 -6.29 -8.13
CA SER A 146 -7.58 -6.31 -8.12
C SER A 146 -8.28 -7.54 -7.49
C SER A 146 -8.42 -7.37 -7.42
N PHE A 147 -8.02 -7.76 -6.21
CA PHE A 147 -8.68 -8.84 -5.48
C PHE A 147 -9.87 -8.37 -4.67
N PHE A 148 -10.13 -7.07 -4.67
CA PHE A 148 -11.31 -6.58 -3.93
C PHE A 148 -12.57 -7.18 -4.54
N THR A 149 -13.44 -7.73 -3.69
CA THR A 149 -14.72 -8.28 -4.11
C THR A 149 -15.73 -7.16 -4.31
N ASP A 150 -16.94 -7.49 -4.77
CA ASP A 150 -17.95 -6.47 -5.01
C ASP A 150 -18.36 -5.74 -3.72
N ALA A 151 -18.48 -6.47 -2.60
CA ALA A 151 -18.81 -5.80 -1.35
C ALA A 151 -17.68 -4.85 -0.89
N GLU A 152 -16.44 -5.27 -1.07
CA GLU A 152 -15.31 -4.45 -0.68
C GLU A 152 -15.25 -3.18 -1.56
N ARG A 153 -15.52 -3.34 -2.85
CA ARG A 153 -15.60 -2.18 -3.74
C ARG A 153 -16.77 -1.25 -3.36
N ARG A 154 -17.93 -1.82 -3.08
CA ARG A 154 -19.09 -0.99 -2.72
C ARG A 154 -18.83 -0.21 -1.45
N SER A 155 -18.06 -0.80 -0.53
CA SER A 155 -17.66 -0.11 0.69
C SER A 155 -16.80 1.14 0.39
N VAL A 156 -15.86 1.01 -0.55
CA VAL A 156 -15.05 2.17 -0.96
C VAL A 156 -15.91 3.25 -1.65
N LEU A 157 -16.83 2.83 -2.50
CA LEU A 157 -17.76 3.77 -3.13
C LEU A 157 -18.60 4.49 -2.08
N ASP A 158 -19.08 3.75 -1.09
CA ASP A 158 -19.82 4.35 0.01
C ASP A 158 -19.02 5.47 0.68
N ALA A 159 -17.72 5.25 0.87
CA ALA A 159 -16.85 6.27 1.45
C ALA A 159 -16.81 7.55 0.60
N ALA A 160 -16.60 7.38 -0.70
CA ALA A 160 -16.56 8.51 -1.61
C ALA A 160 -17.87 9.29 -1.63
N GLN A 161 -18.99 8.58 -1.53
CA GLN A 161 -20.32 9.23 -1.55
C GLN A 161 -20.51 10.09 -0.29
N ILE A 162 -19.99 9.64 0.84
CA ILE A 162 -20.02 10.42 2.10
C ILE A 162 -19.36 11.79 1.93
N VAL A 163 -18.28 11.83 1.15
CA VAL A 163 -17.54 13.05 0.88
C VAL A 163 -18.28 13.97 -0.10
N GLY A 164 -19.12 13.39 -0.94
CA GLY A 164 -19.73 14.15 -2.02
C GLY A 164 -18.91 14.10 -3.30
N LEU A 165 -17.92 13.21 -3.32
CA LEU A 165 -17.17 12.97 -4.55
C LEU A 165 -18.03 12.22 -5.56
N ASN A 166 -17.77 12.46 -6.84
CA ASN A 166 -18.42 11.67 -7.89
C ASN A 166 -17.40 10.73 -8.49
N CYS A 167 -17.27 9.56 -7.88
CA CYS A 167 -16.33 8.57 -8.36
C CYS A 167 -16.85 7.93 -9.64
N LEU A 168 -16.30 8.37 -10.78
CA LEU A 168 -16.68 7.85 -12.08
C LEU A 168 -16.39 6.38 -12.22
N ARG A 169 -15.42 5.91 -11.45
CA ARG A 169 -14.97 4.54 -11.61
C ARG A 169 -14.00 4.16 -10.51
N LEU A 170 -14.23 3.00 -9.90
CA LEU A 170 -13.20 2.35 -9.10
C LEU A 170 -12.28 1.62 -10.07
N MET A 171 -10.98 1.92 -10.05
CA MET A 171 -10.11 1.24 -11.00
C MET A 171 -9.18 0.24 -10.33
N ASN A 172 -9.23 -1.01 -10.80
N ASN A 172 -9.25 -1.01 -10.80
CA ASN A 172 -8.31 -2.02 -10.33
CA ASN A 172 -8.27 -2.05 -10.50
C ASN A 172 -6.87 -1.55 -10.54
C ASN A 172 -6.84 -1.49 -10.57
N ASP A 173 -6.07 -1.62 -9.48
CA ASP A 173 -4.65 -1.18 -9.46
C ASP A 173 -3.91 -1.63 -10.70
N MET A 174 -4.03 -2.91 -11.03
N MET A 174 -4.03 -2.90 -11.03
CA MET A 174 -3.32 -3.48 -12.17
CA MET A 174 -3.26 -3.43 -12.14
C MET A 174 -3.75 -2.84 -13.47
C MET A 174 -3.76 -2.91 -13.50
N THR A 175 -5.04 -2.57 -13.58
CA THR A 175 -5.56 -1.94 -14.78
C THR A 175 -5.05 -0.50 -14.89
N ALA A 176 -4.99 0.19 -13.76
CA ALA A 176 -4.34 1.50 -13.66
C ALA A 176 -2.93 1.47 -14.27
N VAL A 177 -2.16 0.50 -13.80
CA VAL A 177 -0.78 0.36 -14.21
C VAL A 177 -0.69 0.05 -15.70
N ALA A 178 -1.53 -0.87 -16.16
CA ALA A 178 -1.52 -1.25 -17.57
C ALA A 178 -1.83 -0.05 -18.49
N LEU A 179 -2.83 0.73 -18.11
CA LEU A 179 -3.26 1.87 -18.92
C LEU A 179 -2.16 2.91 -18.98
N ASN A 180 -1.53 3.14 -17.83
CA ASN A 180 -0.37 4.01 -17.72
C ASN A 180 0.70 3.57 -18.73
N TYR A 181 1.09 2.30 -18.65
CA TYR A 181 2.07 1.73 -19.57
C TYR A 181 1.63 1.90 -21.03
N GLY A 182 0.37 1.62 -21.29
CA GLY A 182 -0.16 1.58 -22.64
C GLY A 182 -0.17 2.94 -23.31
N ILE A 183 -0.15 3.99 -22.50
CA ILE A 183 -0.19 5.35 -23.00
C ILE A 183 1.22 5.93 -23.08
N TYR A 184 2.10 5.49 -22.18
CA TYR A 184 3.38 6.16 -22.03
C TYR A 184 4.55 5.40 -22.67
N LYS A 185 4.42 4.08 -22.80
CA LYS A 185 5.50 3.30 -23.39
C LYS A 185 5.72 3.69 -24.85
N GLN A 186 6.95 4.06 -25.19
CA GLN A 186 7.29 4.41 -26.56
C GLN A 186 7.50 3.17 -27.43
N ASP A 187 7.22 3.30 -28.72
CA ASP A 187 7.47 2.22 -29.68
C ASP A 187 6.81 0.89 -29.29
N LEU A 188 5.56 0.93 -28.85
CA LEU A 188 4.76 -0.30 -28.74
C LEU A 188 4.57 -0.88 -30.14
N PRO A 189 4.27 -2.19 -30.25
CA PRO A 189 3.95 -2.71 -31.60
C PRO A 189 2.72 -2.01 -32.23
N SER A 190 2.78 -1.81 -33.53
CA SER A 190 1.62 -1.41 -34.30
C SER A 190 0.48 -2.42 -34.09
N LEU A 191 -0.74 -2.00 -34.36
CA LEU A 191 -1.87 -2.94 -34.39
C LEU A 191 -1.59 -4.10 -35.35
N ASP A 192 -0.77 -3.86 -36.38
CA ASP A 192 -0.56 -4.90 -37.38
C ASP A 192 0.65 -5.77 -37.04
N GLU A 193 1.19 -5.57 -35.84
CA GLU A 193 2.29 -6.40 -35.35
C GLU A 193 1.86 -7.28 -34.16
N LYS A 194 2.72 -8.24 -33.83
CA LYS A 194 2.50 -9.13 -32.70
C LYS A 194 2.44 -8.29 -31.43
N PRO A 195 1.39 -8.47 -30.61
CA PRO A 195 1.28 -7.75 -29.33
C PRO A 195 2.47 -8.02 -28.43
N ARG A 196 2.87 -6.99 -27.68
CA ARG A 196 3.90 -7.10 -26.65
C ARG A 196 3.26 -7.53 -25.34
N ILE A 197 3.66 -8.69 -24.83
CA ILE A 197 3.13 -9.19 -23.56
C ILE A 197 4.01 -8.71 -22.38
N VAL A 198 3.41 -7.97 -21.47
CA VAL A 198 4.14 -7.41 -20.34
C VAL A 198 3.53 -7.93 -19.05
N VAL A 199 4.37 -8.32 -18.10
CA VAL A 199 3.91 -8.71 -16.77
C VAL A 199 4.17 -7.59 -15.78
N PHE A 200 3.13 -7.21 -15.05
CA PHE A 200 3.22 -6.15 -14.06
C PHE A 200 3.16 -6.78 -12.67
N VAL A 201 4.08 -6.39 -11.80
CA VAL A 201 4.09 -6.85 -10.42
C VAL A 201 4.02 -5.63 -9.50
N ASP A 202 3.06 -5.63 -8.59
CA ASP A 202 2.89 -4.57 -7.59
C ASP A 202 2.77 -5.22 -6.21
N MET A 203 3.81 -5.07 -5.40
CA MET A 203 3.70 -5.42 -3.99
C MET A 203 3.69 -4.13 -3.16
N GLY A 204 2.60 -3.90 -2.45
CA GLY A 204 2.46 -2.76 -1.56
C GLY A 204 2.69 -3.18 -0.12
N HIS A 205 2.13 -2.43 0.82
CA HIS A 205 2.27 -2.76 2.24
C HIS A 205 1.58 -4.06 2.58
N SER A 206 0.40 -4.31 2.02
CA SER A 206 -0.43 -5.43 2.50
C SER A 206 -0.64 -6.59 1.51
N ALA A 207 -0.27 -6.42 0.24
CA ALA A 207 -0.54 -7.50 -0.72
C ALA A 207 0.44 -7.54 -1.91
N PHE A 208 0.38 -8.65 -2.63
CA PHE A 208 1.18 -8.91 -3.83
C PHE A 208 0.21 -9.13 -5.00
N GLN A 209 0.30 -8.29 -6.03
CA GLN A 209 -0.55 -8.39 -7.20
C GLN A 209 0.28 -8.53 -8.46
N VAL A 210 -0.18 -9.38 -9.36
N VAL A 210 -0.18 -9.34 -9.39
CA VAL A 210 0.45 -9.58 -10.66
CA VAL A 210 0.52 -9.54 -10.65
C VAL A 210 -0.60 -9.47 -11.75
C VAL A 210 -0.50 -9.65 -11.79
N SER A 211 -0.18 -9.11 -12.96
CA SER A 211 -1.05 -9.23 -14.13
C SER A 211 -0.22 -9.42 -15.39
N ALA A 212 -0.84 -9.97 -16.42
CA ALA A 212 -0.20 -10.04 -17.73
C ALA A 212 -1.10 -9.33 -18.73
N CYS A 213 -0.49 -8.56 -19.63
CA CYS A 213 -1.22 -7.72 -20.58
C CYS A 213 -0.57 -7.73 -21.95
N ALA A 214 -1.40 -7.71 -22.99
CA ALA A 214 -0.89 -7.58 -24.36
C ALA A 214 -1.12 -6.14 -24.82
N PHE A 215 -0.07 -5.53 -25.37
CA PHE A 215 -0.15 -4.14 -25.84
C PHE A 215 0.11 -4.02 -27.34
N ASN A 216 -0.69 -3.18 -27.99
CA ASN A 216 -0.36 -2.60 -29.29
C ASN A 216 -0.60 -1.12 -29.12
N LYS A 217 -0.07 -0.30 -30.02
CA LYS A 217 -0.44 1.11 -30.01
C LYS A 217 -1.96 1.26 -29.96
N GLY A 218 -2.46 2.01 -28.96
CA GLY A 218 -3.88 2.28 -28.84
C GLY A 218 -4.77 1.13 -28.39
N LYS A 219 -4.17 0.01 -27.99
CA LYS A 219 -4.97 -1.16 -27.58
C LYS A 219 -4.29 -1.96 -26.47
N LEU A 220 -5.06 -2.24 -25.43
CA LEU A 220 -4.60 -3.05 -24.30
C LEU A 220 -5.57 -4.17 -24.04
N LYS A 221 -5.05 -5.36 -23.77
CA LYS A 221 -5.90 -6.50 -23.43
C LYS A 221 -5.32 -7.18 -22.18
N VAL A 222 -6.07 -7.17 -21.07
CA VAL A 222 -5.59 -7.85 -19.87
C VAL A 222 -5.80 -9.37 -19.99
N LEU A 223 -4.72 -10.13 -19.95
CA LEU A 223 -4.80 -11.57 -20.16
C LEU A 223 -5.15 -12.33 -18.87
N GLY A 224 -4.76 -11.78 -17.74
CA GLY A 224 -5.07 -12.40 -16.46
C GLY A 224 -4.46 -11.62 -15.30
N THR A 225 -4.91 -11.93 -14.09
CA THR A 225 -4.33 -11.33 -12.88
C THR A 225 -4.24 -12.41 -11.81
N ALA A 226 -3.21 -12.34 -10.96
CA ALA A 226 -3.16 -13.23 -9.81
C ALA A 226 -2.65 -12.42 -8.63
N PHE A 227 -2.71 -13.01 -7.43
CA PHE A 227 -2.38 -12.27 -6.24
C PHE A 227 -2.23 -13.13 -4.99
N ASP A 228 -1.47 -12.58 -4.03
CA ASP A 228 -1.49 -13.05 -2.64
C ASP A 228 -1.93 -11.87 -1.77
N PRO A 229 -3.20 -11.86 -1.37
CA PRO A 229 -3.71 -10.72 -0.60
C PRO A 229 -3.17 -10.68 0.83
N PHE A 230 -2.39 -11.68 1.21
CA PHE A 230 -1.91 -11.78 2.59
C PHE A 230 -0.38 -11.76 2.63
N LEU A 231 0.21 -11.20 1.58
CA LEU A 231 1.67 -11.08 1.50
C LEU A 231 2.05 -9.69 0.99
N GLY A 232 2.59 -8.83 1.87
CA GLY A 232 3.09 -7.53 1.45
C GLY A 232 4.31 -7.10 2.25
N GLY A 233 4.71 -5.83 2.06
CA GLY A 233 5.84 -5.25 2.77
C GLY A 233 5.77 -5.42 4.29
N LYS A 234 4.56 -5.36 4.84
CA LYS A 234 4.36 -5.43 6.29
C LYS A 234 4.74 -6.78 6.87
N ASN A 235 4.65 -7.85 6.07
CA ASN A 235 5.01 -9.18 6.54
C ASN A 235 6.51 -9.24 6.83
N PHE A 236 7.28 -8.57 6.00
CA PHE A 236 8.71 -8.46 6.19
C PHE A 236 9.02 -7.64 7.44
N ASP A 237 8.30 -6.55 7.66
CA ASP A 237 8.45 -5.76 8.89
C ASP A 237 8.21 -6.64 10.11
N GLU A 238 7.17 -7.47 10.01
CA GLU A 238 6.76 -8.36 11.11
C GLU A 238 7.87 -9.33 11.47
N LYS A 239 8.53 -9.89 10.46
CA LYS A 239 9.66 -10.78 10.68
C LYS A 239 10.80 -10.10 11.43
N LEU A 240 11.12 -8.88 11.03
CA LEU A 240 12.19 -8.14 11.69
C LEU A 240 11.80 -7.83 13.12
N VAL A 241 10.56 -7.40 13.32
CA VAL A 241 10.06 -7.10 14.66
C VAL A 241 10.15 -8.32 15.58
N GLU A 242 9.66 -9.46 15.13
CA GLU A 242 9.74 -10.69 15.93
C GLU A 242 11.19 -11.06 16.28
N HIS A 243 12.08 -10.95 15.30
CA HIS A 243 13.52 -11.14 15.52
C HIS A 243 14.06 -10.25 16.65
N PHE A 244 13.90 -8.95 16.51
CA PHE A 244 14.48 -8.04 17.48
C PHE A 244 13.76 -8.07 18.83
N CYS A 245 12.49 -8.44 18.81
CA CYS A 245 11.74 -8.61 20.05
C CYS A 245 12.38 -9.68 20.91
N ALA A 246 12.82 -10.76 20.27
CA ALA A 246 13.45 -11.85 20.99
C ALA A 246 14.89 -11.50 21.37
N GLU A 247 15.62 -10.89 20.44
CA GLU A 247 16.99 -10.45 20.72
C GLU A 247 17.02 -9.49 21.92
N PHE A 248 16.00 -8.65 22.05
CA PHE A 248 15.97 -7.65 23.11
C PHE A 248 15.53 -8.28 24.43
N LYS A 249 14.76 -9.36 24.36
CA LYS A 249 14.37 -10.10 25.55
C LYS A 249 15.59 -10.75 26.18
N THR A 250 16.47 -11.27 25.33
CA THR A 250 17.71 -11.89 25.78
C THR A 250 18.69 -10.87 26.36
N LYS A 251 19.09 -9.91 25.53
CA LYS A 251 20.19 -9.01 25.88
C LYS A 251 19.81 -7.97 26.93
N TYR A 252 18.53 -7.56 26.95
CA TYR A 252 18.10 -6.47 27.82
C TYR A 252 17.01 -6.87 28.79
N LYS A 253 16.46 -8.08 28.61
CA LYS A 253 15.32 -8.54 29.39
C LYS A 253 14.19 -7.53 29.35
N LEU A 254 13.92 -6.99 28.16
CA LEU A 254 12.77 -6.13 27.91
C LEU A 254 11.81 -6.83 26.93
N ASP A 255 10.53 -6.88 27.26
CA ASP A 255 9.56 -7.49 26.37
C ASP A 255 8.76 -6.43 25.63
N ALA A 256 9.18 -6.14 24.39
CA ALA A 256 8.54 -5.12 23.58
C ALA A 256 7.04 -5.34 23.43
N LYS A 257 6.61 -6.60 23.42
CA LYS A 257 5.20 -6.94 23.26
C LYS A 257 4.30 -6.45 24.39
N SER A 258 4.91 -6.19 25.56
CA SER A 258 4.15 -5.82 26.75
C SER A 258 3.69 -4.37 26.76
N LYS A 259 4.41 -3.51 26.04
CA LYS A 259 4.03 -2.11 25.94
C LYS A 259 3.82 -1.74 24.46
N ILE A 260 2.61 -1.30 24.12
CA ILE A 260 2.21 -1.11 22.73
C ILE A 260 3.05 -0.01 22.04
N ARG A 261 3.35 1.08 22.74
CA ARG A 261 4.09 2.17 22.14
C ARG A 261 5.57 1.82 21.92
N ALA A 262 6.07 0.85 22.68
CA ALA A 262 7.42 0.36 22.42
C ALA A 262 7.41 -0.57 21.20
N LEU A 263 6.34 -1.35 21.08
CA LEU A 263 6.19 -2.28 19.96
C LEU A 263 6.00 -1.50 18.66
N LEU A 264 5.17 -0.47 18.72
CA LEU A 264 4.94 0.41 17.58
C LEU A 264 6.24 1.05 17.13
N ARG A 265 7.01 1.57 18.09
CA ARG A 265 8.27 2.21 17.78
C ARG A 265 9.22 1.20 17.16
N LEU A 266 9.14 -0.04 17.62
CA LEU A 266 9.96 -1.11 17.06
C LEU A 266 9.56 -1.39 15.61
N TYR A 267 8.25 -1.39 15.34
CA TYR A 267 7.76 -1.50 13.96
C TYR A 267 8.28 -0.39 13.07
N GLN A 268 8.28 0.84 13.59
CA GLN A 268 8.77 1.98 12.81
C GLN A 268 10.23 1.78 12.44
N GLU A 269 11.05 1.42 13.43
CA GLU A 269 12.48 1.26 13.20
C GLU A 269 12.78 0.10 12.24
N CYS A 270 12.05 -1.00 12.38
CA CYS A 270 12.31 -2.15 11.52
C CYS A 270 11.93 -1.84 10.08
N GLU A 271 10.85 -1.09 9.90
CA GLU A 271 10.46 -0.73 8.54
C GLU A 271 11.52 0.18 7.92
N LYS A 272 11.97 1.20 8.65
CA LYS A 272 13.07 2.04 8.16
C LYS A 272 14.29 1.21 7.80
N LEU A 273 14.59 0.24 8.65
CA LEU A 273 15.72 -0.65 8.43
C LEU A 273 15.52 -1.44 7.13
N LYS A 274 14.33 -2.02 7.00
CA LYS A 274 13.96 -2.74 5.79
C LYS A 274 14.26 -1.91 4.55
N LYS A 275 13.76 -0.68 4.52
CA LYS A 275 13.90 0.19 3.36
C LYS A 275 15.36 0.50 3.01
N LEU A 276 16.16 0.71 4.05
CA LEU A 276 17.58 1.03 3.90
C LEU A 276 18.35 -0.14 3.30
N MET A 277 17.95 -1.37 3.67
CA MET A 277 18.62 -2.55 3.14
C MET A 277 18.36 -2.76 1.65
N SER A 278 17.46 -1.97 1.07
CA SER A 278 17.28 -2.01 -0.38
C SER A 278 18.41 -1.31 -1.13
N SER A 279 19.11 -0.40 -0.45
CA SER A 279 20.20 0.37 -1.09
C SER A 279 21.53 0.20 -0.37
N ASN A 280 21.51 -0.50 0.75
CA ASN A 280 22.71 -0.67 1.57
C ASN A 280 22.77 -2.10 2.09
N SER A 281 23.83 -2.81 1.73
CA SER A 281 23.98 -4.21 2.09
C SER A 281 24.85 -4.46 3.33
N THR A 282 25.46 -3.41 3.87
CA THR A 282 26.36 -3.56 5.03
C THR A 282 25.58 -3.75 6.35
N ASP A 283 26.30 -3.98 7.46
CA ASP A 283 25.65 -4.09 8.77
C ASP A 283 25.06 -2.75 9.15
N LEU A 284 23.79 -2.74 9.51
CA LEU A 284 23.08 -1.50 9.77
C LEU A 284 22.54 -1.44 11.19
N PRO A 285 22.63 -0.27 11.83
CA PRO A 285 22.19 -0.13 13.23
C PRO A 285 20.67 -0.01 13.38
N LEU A 286 20.15 -0.69 14.39
CA LEU A 286 18.83 -0.38 14.90
C LEU A 286 19.00 0.23 16.28
N ASN A 287 18.59 1.48 16.43
CA ASN A 287 18.78 2.22 17.68
C ASN A 287 17.46 2.82 18.18
N ILE A 288 17.04 2.43 19.37
CA ILE A 288 15.83 3.00 19.94
C ILE A 288 16.09 3.60 21.33
N GLU A 289 16.19 4.93 21.38
CA GLU A 289 16.39 5.65 22.63
C GLU A 289 15.23 5.48 23.61
N CYS A 290 15.54 5.24 24.88
CA CYS A 290 14.53 5.10 25.92
C CYS A 290 13.42 4.16 25.47
N PHE A 291 13.80 2.93 25.12
CA PHE A 291 12.85 1.96 24.57
C PHE A 291 11.78 1.61 25.60
N MET A 292 12.20 1.05 26.72
CA MET A 292 11.33 0.92 27.89
C MET A 292 12.21 0.86 29.14
N ASN A 293 11.62 1.22 30.28
CA ASN A 293 12.36 1.36 31.54
C ASN A 293 13.58 2.25 31.37
N ASP A 294 13.43 3.27 30.52
CA ASP A 294 14.48 4.26 30.26
C ASP A 294 15.76 3.67 29.68
N LYS A 295 15.71 2.42 29.26
CA LYS A 295 16.86 1.76 28.65
C LYS A 295 16.92 2.02 27.15
N ASP A 296 18.09 2.42 26.67
CA ASP A 296 18.34 2.46 25.23
C ASP A 296 18.62 1.05 24.76
N VAL A 297 18.06 0.69 23.61
CA VAL A 297 18.36 -0.61 23.03
C VAL A 297 19.06 -0.46 21.69
N SER A 298 19.77 -1.50 21.31
CA SER A 298 20.60 -1.46 20.13
C SER A 298 20.79 -2.86 19.58
N GLY A 299 20.87 -2.94 18.25
CA GLY A 299 21.09 -4.19 17.58
C GLY A 299 21.52 -3.85 16.17
N LYS A 300 21.79 -4.87 15.36
CA LYS A 300 22.19 -4.63 13.99
C LYS A 300 21.68 -5.76 13.08
N MET A 301 21.83 -5.55 11.78
CA MET A 301 21.21 -6.39 10.76
C MET A 301 21.76 -6.02 9.39
N ASN A 302 22.01 -7.02 8.55
CA ASN A 302 22.37 -6.76 7.16
C ASN A 302 21.42 -7.48 6.19
N ARG A 303 21.50 -7.11 4.91
CA ARG A 303 20.58 -7.66 3.91
C ARG A 303 20.53 -9.18 3.90
N SER A 304 21.70 -9.80 3.83
CA SER A 304 21.78 -11.25 3.74
C SER A 304 21.10 -11.96 4.91
N GLN A 305 21.17 -11.35 6.09
CA GLN A 305 20.61 -11.94 7.29
C GLN A 305 19.09 -11.75 7.29
N PHE A 306 18.69 -10.59 6.78
CA PHE A 306 17.29 -10.26 6.58
C PHE A 306 16.65 -11.26 5.62
N GLU A 307 17.35 -11.57 4.53
CA GLU A 307 16.85 -12.52 3.55
C GLU A 307 16.72 -13.93 4.13
N GLU A 308 17.66 -14.33 4.96
CA GLU A 308 17.58 -15.63 5.62
C GLU A 308 16.39 -15.67 6.57
N LEU A 309 16.21 -14.60 7.33
CA LEU A 309 15.07 -14.48 8.24
C LEU A 309 13.74 -14.55 7.49
N CYS A 310 13.73 -14.02 6.27
CA CYS A 310 12.50 -13.95 5.48
C CYS A 310 12.40 -15.05 4.42
N ALA A 311 13.10 -16.15 4.64
CA ALA A 311 13.18 -17.23 3.66
C ALA A 311 11.81 -17.75 3.24
N GLU A 312 10.93 -17.98 4.20
CA GLU A 312 9.61 -18.54 3.90
C GLU A 312 8.74 -17.54 3.15
N LEU A 313 8.76 -16.28 3.56
CA LEU A 313 8.09 -15.21 2.82
C LEU A 313 8.56 -15.15 1.37
N LEU A 314 9.86 -15.27 1.16
CA LEU A 314 10.41 -15.08 -0.18
C LEU A 314 10.00 -16.24 -1.08
N GLN A 315 9.81 -17.42 -0.49
CA GLN A 315 9.30 -18.58 -1.21
C GLN A 315 7.89 -18.33 -1.73
N LYS A 316 7.10 -17.61 -0.95
CA LYS A 316 5.70 -17.30 -1.29
C LYS A 316 5.56 -16.39 -2.52
N ILE A 317 6.63 -15.69 -2.88
CA ILE A 317 6.63 -14.73 -3.99
C ILE A 317 6.31 -15.39 -5.32
N GLU A 318 6.83 -16.58 -5.57
CA GLU A 318 6.66 -17.22 -6.87
C GLU A 318 5.26 -17.84 -7.05
N VAL A 319 4.52 -17.98 -5.96
CA VAL A 319 3.24 -18.67 -6.03
C VAL A 319 2.22 -17.91 -6.91
N PRO A 320 1.99 -16.59 -6.68
CA PRO A 320 1.10 -15.91 -7.62
C PRO A 320 1.63 -15.86 -9.06
N LEU A 321 2.94 -15.94 -9.23
CA LEU A 321 3.53 -15.97 -10.56
C LEU A 321 3.14 -17.27 -11.27
N TYR A 322 3.28 -18.38 -10.56
CA TYR A 322 2.81 -19.67 -11.04
C TYR A 322 1.30 -19.64 -11.34
N SER A 323 0.53 -19.07 -10.42
CA SER A 323 -0.91 -18.93 -10.61
C SER A 323 -1.25 -18.15 -11.90
N LEU A 324 -0.50 -17.09 -12.17
CA LEU A 324 -0.72 -16.27 -13.35
C LEU A 324 -0.54 -17.05 -14.65
N LEU A 325 0.57 -17.80 -14.73
CA LEU A 325 0.85 -18.65 -15.89
C LEU A 325 -0.22 -19.73 -16.04
N GLU A 326 -0.63 -20.32 -14.93
CA GLU A 326 -1.63 -21.39 -14.93
C GLU A 326 -2.93 -20.91 -15.56
N GLN A 327 -3.38 -19.73 -15.13
CA GLN A 327 -4.60 -19.12 -15.63
C GLN A 327 -4.53 -18.70 -17.10
N THR A 328 -3.44 -18.02 -17.46
CA THR A 328 -3.29 -17.43 -18.78
C THR A 328 -2.81 -18.44 -19.81
N HIS A 329 -2.29 -19.57 -19.33
CA HIS A 329 -1.59 -20.54 -20.17
C HIS A 329 -0.40 -19.91 -20.92
N LEU A 330 0.14 -18.84 -20.35
CA LEU A 330 1.35 -18.24 -20.91
C LEU A 330 2.58 -19.00 -20.45
N LYS A 331 3.62 -18.99 -21.28
CA LYS A 331 4.93 -19.50 -20.91
C LYS A 331 5.82 -18.30 -20.72
N VAL A 332 6.87 -18.43 -19.90
CA VAL A 332 7.72 -17.27 -19.61
C VAL A 332 8.35 -16.68 -20.88
N GLU A 333 8.62 -17.52 -21.88
CA GLU A 333 9.23 -17.04 -23.14
C GLU A 333 8.28 -16.13 -23.93
N ASP A 334 7.00 -16.19 -23.61
CA ASP A 334 6.01 -15.33 -24.24
C ASP A 334 6.14 -13.88 -23.74
N VAL A 335 6.72 -13.71 -22.57
CA VAL A 335 6.74 -12.41 -21.90
C VAL A 335 7.91 -11.55 -22.36
N SER A 336 7.61 -10.35 -22.84
CA SER A 336 8.67 -9.45 -23.34
C SER A 336 9.37 -8.69 -22.21
N ALA A 337 8.63 -8.37 -21.16
CA ALA A 337 9.19 -7.59 -20.06
C ALA A 337 8.40 -7.81 -18.80
N VAL A 338 9.08 -7.63 -17.68
CA VAL A 338 8.45 -7.68 -16.36
C VAL A 338 8.67 -6.33 -15.69
N GLU A 339 7.58 -5.60 -15.46
CA GLU A 339 7.63 -4.23 -14.98
C GLU A 339 7.17 -4.19 -13.53
N ILE A 340 7.94 -3.53 -12.66
CA ILE A 340 7.53 -3.49 -11.27
C ILE A 340 7.10 -2.10 -10.89
N VAL A 341 6.23 -2.06 -9.88
CA VAL A 341 5.58 -0.87 -9.46
C VAL A 341 5.30 -1.11 -7.97
N GLY A 342 4.95 -0.08 -7.20
CA GLY A 342 4.63 -0.29 -5.80
C GLY A 342 5.88 -0.20 -4.92
N GLY A 343 5.67 0.03 -3.64
CA GLY A 343 6.77 0.28 -2.72
C GLY A 343 7.67 -0.90 -2.39
N ALA A 344 7.07 -2.07 -2.20
CA ALA A 344 7.80 -3.19 -1.61
C ALA A 344 8.45 -4.10 -2.64
N THR A 345 8.09 -3.96 -3.92
CA THR A 345 8.75 -4.75 -4.96
C THR A 345 10.22 -4.42 -5.08
N ARG A 346 10.60 -3.24 -4.61
CA ARG A 346 12.00 -2.81 -4.59
C ARG A 346 12.92 -3.64 -3.71
N ILE A 347 12.35 -4.44 -2.81
CA ILE A 347 13.16 -5.32 -1.98
C ILE A 347 13.97 -6.24 -2.90
N PRO A 348 15.32 -6.13 -2.83
CA PRO A 348 16.17 -6.84 -3.80
C PRO A 348 15.92 -8.36 -3.87
N ALA A 349 15.61 -9.01 -2.75
CA ALA A 349 15.30 -10.45 -2.80
C ALA A 349 13.97 -10.71 -3.52
N VAL A 350 13.01 -9.80 -3.38
CA VAL A 350 11.73 -9.92 -4.08
C VAL A 350 11.94 -9.74 -5.59
N LYS A 351 12.64 -8.67 -5.99
CA LYS A 351 12.99 -8.48 -7.41
C LYS A 351 13.70 -9.70 -8.00
N GLU A 352 14.62 -10.27 -7.22
CA GLU A 352 15.42 -11.41 -7.64
C GLU A 352 14.57 -12.63 -7.89
N ARG A 353 13.66 -12.95 -6.96
CA ARG A 353 12.74 -14.07 -7.11
C ARG A 353 11.89 -13.91 -8.38
N ILE A 354 11.39 -12.70 -8.63
CA ILE A 354 10.60 -12.43 -9.83
C ILE A 354 11.46 -12.61 -11.09
N ALA A 355 12.62 -11.99 -11.09
CA ALA A 355 13.53 -12.08 -12.24
C ALA A 355 13.90 -13.52 -12.54
N LYS A 356 14.27 -14.28 -11.51
CA LYS A 356 14.62 -15.69 -11.70
C LYS A 356 13.43 -16.50 -12.24
N PHE A 357 12.23 -16.18 -11.78
CA PHE A 357 11.04 -16.88 -12.26
C PHE A 357 10.82 -16.70 -13.77
N PHE A 358 10.93 -15.47 -14.25
CA PHE A 358 10.65 -15.18 -15.65
C PHE A 358 11.90 -15.26 -16.52
N GLY A 359 13.05 -15.44 -15.89
CA GLY A 359 14.31 -15.50 -16.60
C GLY A 359 14.64 -14.22 -17.34
N LYS A 360 14.25 -13.08 -16.76
CA LYS A 360 14.49 -11.78 -17.36
C LYS A 360 14.85 -10.79 -16.27
N ASP A 361 15.69 -9.82 -16.60
CA ASP A 361 15.89 -8.68 -15.71
C ASP A 361 14.58 -7.90 -15.57
N ILE A 362 14.43 -7.28 -14.40
CA ILE A 362 13.27 -6.49 -14.05
C ILE A 362 13.32 -5.09 -14.69
N SER A 363 12.20 -4.62 -15.23
CA SER A 363 12.14 -3.28 -15.79
C SER A 363 11.44 -2.31 -14.83
N THR A 364 11.77 -1.03 -14.93
CA THR A 364 11.21 0.01 -14.07
C THR A 364 10.84 1.22 -14.94
N THR A 365 10.18 0.93 -16.05
CA THR A 365 9.72 1.96 -16.98
C THR A 365 8.83 2.99 -16.30
N LEU A 366 7.97 2.53 -15.39
CA LEU A 366 7.02 3.43 -14.74
C LEU A 366 7.57 3.92 -13.41
N ASN A 367 7.04 5.05 -12.95
CA ASN A 367 7.35 5.50 -11.61
C ASN A 367 6.63 4.60 -10.59
N ALA A 368 7.40 3.92 -9.74
CA ALA A 368 6.83 2.89 -8.86
C ALA A 368 5.80 3.46 -7.89
N ASP A 369 6.05 4.68 -7.42
CA ASP A 369 5.19 5.31 -6.42
C ASP A 369 3.91 5.92 -7.04
N GLU A 370 4.04 6.44 -8.26
CA GLU A 370 2.99 7.25 -8.86
C GLU A 370 2.14 6.53 -9.92
N ALA A 371 2.57 5.35 -10.35
CA ALA A 371 2.00 4.72 -11.55
C ALA A 371 0.48 4.50 -11.45
N VAL A 372 0.03 4.05 -10.29
CA VAL A 372 -1.39 3.77 -10.10
C VAL A 372 -2.23 5.04 -10.16
N ALA A 373 -1.83 6.09 -9.45
CA ALA A 373 -2.55 7.35 -9.49
C ALA A 373 -2.56 7.91 -10.92
N ARG A 374 -1.45 7.76 -11.63
CA ARG A 374 -1.36 8.26 -13.00
C ARG A 374 -2.31 7.53 -13.93
N GLY A 375 -2.37 6.20 -13.77
CA GLY A 375 -3.36 5.39 -14.48
C GLY A 375 -4.78 5.80 -14.17
N CYS A 376 -5.07 6.07 -12.89
CA CYS A 376 -6.41 6.53 -12.52
C CYS A 376 -6.76 7.86 -13.19
N ALA A 377 -5.78 8.75 -13.31
CA ALA A 377 -5.99 10.05 -13.92
C ALA A 377 -6.21 9.95 -15.43
N LEU A 378 -5.68 8.89 -16.03
CA LEU A 378 -5.81 8.65 -17.47
C LEU A 378 -7.20 8.12 -17.84
N GLN A 379 -7.81 7.35 -16.94
CA GLN A 379 -9.05 6.63 -17.22
C GLN A 379 -10.15 7.51 -17.86
N CYS A 380 -10.47 8.65 -17.23
CA CYS A 380 -11.50 9.54 -17.77
C CYS A 380 -10.99 10.97 -18.04
#